data_9KCT
#
_entry.id   9KCT
#
_cell.length_a   87.190
_cell.length_b   75.700
_cell.length_c   91.080
_cell.angle_alpha   90.00
_cell.angle_beta   100.71
_cell.angle_gamma   90.00
#
_symmetry.space_group_name_H-M   'C 1 2 1'
#
loop_
_entity.id
_entity.type
_entity.pdbx_description
1 polymer ISOMERASE
2 non-polymer 1,2-ETHANEDIOL
3 non-polymer DI(HYDROXYETHYL)ETHER
4 non-polymer 2-(2-{2-[2-(2-METHOXY-ETHOXY)-ETHOXY]-ETHOXY}-ETHOXY)-ETHANOL
5 water water
#
_entity_poly.entity_id   1
_entity_poly.type   'polypeptide(L)'
_entity_poly.pdbx_seq_one_letter_code
;MSGDVFGPWYLGPIAHPAIGIRIPEIILTGILRAYKKRNVAGGLMLSFGRETAPEWVINAPPGKYEITRGHTGTSIRKYM
TMAAEAAVKEGLVVEIEADHLTVAPSAAEAVKRISGVRTEYRMSEKELGESLNYIKAEIDEAVSTGYVNFYTIDTCFLID
YSAEEMSPGELESKFSTIFGDGAGDLLKRYVGRQFVYIGERGIPYCFTFTNEEVMRLALKYRESLKATKTICDYIKSKMS
KPYGIEIAFDETPSLTKCKDMIFYLRELWEIGIKPDFIAPNIGFEKRKDYMGDLKVLEERVDKLAAIARAFGALLSIHSG
(SEP)GSSPYSGKGIGTYEALLRATGGKIKYKISGVYIELLFELLASYPKGSKERGLYEQIFDDVYQFLKKEVEEEGVLA
SPELELQLKRYEEDVKNGVREERDPRADFFRYYSFVALNLRDSSGKRYLREAIVELYEEDRKFKERYDKEVEALTLRLID
GLKFENNIINALAWIRQFHHHHHH
;
_entity_poly.pdbx_strand_id   A
#
# COMPACT_ATOMS: atom_id res chain seq x y z
N ASP A 4 19.41 14.54 20.75
CA ASP A 4 19.14 14.64 19.30
C ASP A 4 18.38 13.40 18.81
N VAL A 5 17.29 13.65 18.07
CA VAL A 5 16.41 12.59 17.62
C VAL A 5 16.68 12.40 16.14
N PHE A 6 17.15 11.23 15.74
CA PHE A 6 17.35 10.92 14.32
C PHE A 6 17.26 9.42 14.07
N GLY A 7 17.27 9.00 12.82
CA GLY A 7 17.11 7.60 12.50
C GLY A 7 15.66 7.15 12.61
N PRO A 8 15.44 5.83 12.71
CA PRO A 8 14.07 5.30 12.78
C PRO A 8 13.35 5.61 14.07
N TRP A 9 12.22 6.31 13.96
CA TRP A 9 11.34 6.51 15.08
C TRP A 9 9.88 6.26 14.66
N TYR A 10 9.14 5.67 15.59
CA TYR A 10 7.70 5.61 15.51
C TYR A 10 7.12 7.02 15.73
N LEU A 11 6.42 7.54 14.73
CA LEU A 11 5.99 8.96 14.69
C LEU A 11 4.59 9.23 15.24
N GLY A 12 3.81 8.18 15.44
CA GLY A 12 2.44 8.33 15.91
C GLY A 12 1.45 8.83 14.85
N PRO A 13 0.23 9.13 15.28
CA PRO A 13 -0.82 9.53 14.35
C PRO A 13 -0.67 10.97 13.91
N ILE A 14 0.36 11.21 13.12
CA ILE A 14 0.69 12.57 12.64
C ILE A 14 0.85 12.55 11.13
N ALA A 15 0.49 13.66 10.49
CA ALA A 15 0.57 13.82 9.04
C ALA A 15 1.97 13.51 8.54
N HIS A 16 2.08 12.71 7.49
CA HIS A 16 3.38 12.45 6.87
C HIS A 16 3.23 11.64 5.59
N PRO A 17 4.17 11.84 4.66
CA PRO A 17 4.27 10.96 3.51
C PRO A 17 4.87 9.64 3.92
N ALA A 18 4.47 8.55 3.26
CA ALA A 18 5.14 7.26 3.46
C ALA A 18 5.39 6.66 2.09
N ILE A 19 6.66 6.33 1.84
CA ILE A 19 7.14 6.15 0.47
C ILE A 19 7.84 4.82 0.28
N GLY A 20 7.33 4.05 -0.68
CA GLY A 20 7.92 2.77 -1.05
C GLY A 20 9.26 2.93 -1.76
N ILE A 21 10.20 2.03 -1.46
CA ILE A 21 11.57 2.08 -1.99
C ILE A 21 11.94 0.74 -2.65
N ARG A 22 11.31 0.47 -3.79
CA ARG A 22 11.45 -0.80 -4.49
C ARG A 22 12.90 -1.22 -4.81
N ILE A 23 13.73 -0.26 -5.23
CA ILE A 23 15.17 -0.49 -5.36
C ILE A 23 15.86 0.54 -4.47
N PRO A 24 16.11 0.18 -3.20
CA PRO A 24 16.60 1.21 -2.29
C PRO A 24 17.95 1.81 -2.69
N GLU A 25 18.77 1.03 -3.37
CA GLU A 25 20.09 1.44 -3.87
C GLU A 25 20.01 2.73 -4.70
N ILE A 26 18.98 2.84 -5.54
CA ILE A 26 18.89 3.99 -6.47
C ILE A 26 17.84 5.07 -6.11
N ILE A 27 16.96 4.79 -5.15
CA ILE A 27 15.86 5.69 -4.83
C ILE A 27 16.07 6.51 -3.57
N LEU A 28 16.84 5.97 -2.62
CA LEU A 28 16.99 6.61 -1.32
C LEU A 28 17.63 7.99 -1.35
N THR A 29 18.59 8.20 -2.26
CA THR A 29 19.27 9.48 -2.30
C THR A 29 18.30 10.63 -2.55
N GLY A 30 17.48 10.53 -3.59
CA GLY A 30 16.59 11.63 -3.95
C GLY A 30 15.44 11.88 -2.98
N ILE A 31 14.83 10.80 -2.50
CA ILE A 31 13.82 10.89 -1.44
C ILE A 31 14.38 11.62 -0.18
N LEU A 32 15.52 11.15 0.31
CA LEU A 32 16.10 11.74 1.53
C LEU A 32 16.56 13.19 1.31
N ARG A 33 17.03 13.52 0.12
CA ARG A 33 17.28 14.91 -0.20
C ARG A 33 16.05 15.76 -0.02
N ALA A 34 14.91 15.31 -0.59
CA ALA A 34 13.65 16.04 -0.48
C ALA A 34 13.19 16.16 0.95
N TYR A 35 13.28 15.06 1.70
CA TYR A 35 12.84 15.05 3.10
C TYR A 35 13.66 16.07 3.91
N LYS A 36 14.96 16.06 3.69
CA LYS A 36 15.87 16.99 4.38
C LYS A 36 15.59 18.43 4.01
N LYS A 37 15.34 18.66 2.73
CA LYS A 37 15.13 20.02 2.21
C LYS A 37 13.87 20.68 2.78
N ARG A 38 12.80 19.89 2.97
CA ARG A 38 11.52 20.42 3.45
C ARG A 38 11.25 20.11 4.92
N ASN A 39 12.29 19.67 5.61
CA ASN A 39 12.23 19.40 7.03
C ASN A 39 11.05 18.45 7.32
N VAL A 40 11.07 17.33 6.61
CA VAL A 40 10.00 16.34 6.69
C VAL A 40 10.46 15.09 7.45
N ALA A 41 9.59 14.61 8.32
CA ALA A 41 9.70 13.27 8.88
C ALA A 41 8.83 12.37 8.01
N GLY A 42 9.47 11.51 7.24
CA GLY A 42 8.73 10.63 6.34
C GLY A 42 8.89 9.14 6.60
N GLY A 43 7.92 8.37 6.12
CA GLY A 43 7.98 6.92 6.14
C GLY A 43 8.72 6.37 4.93
N LEU A 44 9.31 5.20 5.12
CA LEU A 44 9.95 4.45 4.06
C LEU A 44 9.49 3.02 4.26
N MET A 45 9.04 2.38 3.18
CA MET A 45 8.34 1.11 3.31
C MET A 45 8.47 0.20 2.07
N LEU A 46 8.02 -1.05 2.22
CA LEU A 46 7.61 -1.88 1.07
C LEU A 46 6.43 -2.77 1.52
N SER A 47 5.55 -3.14 0.59
CA SER A 47 4.40 -4.00 0.90
C SER A 47 4.83 -5.47 1.14
N PHE A 48 4.45 -6.00 2.31
CA PHE A 48 4.83 -7.35 2.75
C PHE A 48 4.11 -8.44 1.93
N GLY A 49 3.00 -8.13 1.28
CA GLY A 49 2.32 -9.13 0.46
C GLY A 49 2.76 -9.20 -1.00
N ARG A 50 3.50 -8.19 -1.49
CA ARG A 50 3.87 -8.12 -2.90
C ARG A 50 5.31 -7.64 -3.11
N GLU A 51 5.61 -6.39 -2.78
CA GLU A 51 6.91 -5.78 -3.15
C GLU A 51 8.11 -6.48 -2.55
N THR A 52 8.01 -6.80 -1.25
CA THR A 52 9.10 -7.40 -0.51
C THR A 52 8.72 -8.76 0.05
N ALA A 53 9.68 -9.40 0.71
CA ALA A 53 9.55 -10.75 1.25
C ALA A 53 10.74 -11.05 2.16
N PRO A 54 10.67 -12.17 2.91
CA PRO A 54 11.87 -12.52 3.68
C PRO A 54 13.08 -12.87 2.78
N GLU A 55 14.27 -12.82 3.36
CA GLU A 55 15.49 -13.14 2.63
C GLU A 55 15.40 -14.51 1.97
N TRP A 56 14.76 -15.46 2.66
CA TRP A 56 14.68 -16.84 2.17
C TRP A 56 13.75 -16.96 0.97
N VAL A 57 12.85 -15.99 0.76
CA VAL A 57 12.11 -15.94 -0.49
C VAL A 57 12.97 -15.30 -1.58
N ILE A 58 13.62 -14.19 -1.24
CA ILE A 58 14.37 -13.40 -2.20
C ILE A 58 15.53 -14.25 -2.73
N ASN A 59 16.20 -14.95 -1.83
CA ASN A 59 17.39 -15.70 -2.19
C ASN A 59 17.09 -17.11 -2.68
N ALA A 60 15.82 -17.52 -2.69
CA ALA A 60 15.42 -18.83 -3.22
C ALA A 60 15.84 -19.01 -4.69
N PRO A 61 15.98 -20.27 -5.16
CA PRO A 61 16.21 -20.52 -6.58
C PRO A 61 15.03 -20.07 -7.45
N PRO A 62 15.29 -19.76 -8.73
CA PRO A 62 14.26 -19.44 -9.71
C PRO A 62 13.16 -20.49 -9.74
N GLY A 63 11.92 -20.06 -9.87
CA GLY A 63 10.80 -20.98 -9.90
C GLY A 63 10.25 -21.52 -8.58
N LYS A 64 10.99 -21.44 -7.46
CA LYS A 64 10.44 -21.91 -6.18
C LYS A 64 9.18 -21.11 -5.86
N TYR A 65 9.31 -19.78 -6.00
CA TYR A 65 8.21 -18.86 -5.68
C TYR A 65 7.72 -18.15 -6.92
N GLU A 66 6.40 -18.01 -6.99
CA GLU A 66 5.73 -17.10 -7.88
C GLU A 66 6.53 -15.80 -8.05
N ILE A 67 6.60 -15.31 -9.29
CA ILE A 67 7.33 -14.10 -9.64
C ILE A 67 6.87 -12.90 -8.79
N THR A 68 5.61 -12.92 -8.38
CA THR A 68 4.96 -11.82 -7.72
C THR A 68 5.33 -11.69 -6.25
N ARG A 69 5.91 -12.72 -5.66
CA ARG A 69 6.25 -12.66 -4.24
C ARG A 69 7.60 -12.05 -3.98
N GLY A 70 7.60 -10.83 -3.45
CA GLY A 70 8.85 -10.05 -3.32
C GLY A 70 9.38 -9.68 -4.69
N HIS A 71 8.48 -9.18 -5.53
CA HIS A 71 8.80 -8.92 -6.93
C HIS A 71 9.88 -7.86 -7.18
N THR A 72 10.18 -7.02 -6.20
CA THR A 72 11.25 -6.02 -6.34
C THR A 72 12.66 -6.60 -6.19
N GLY A 73 12.78 -7.78 -5.61
CA GLY A 73 14.08 -8.35 -5.29
C GLY A 73 14.66 -7.80 -4.02
N THR A 74 13.89 -7.00 -3.27
CA THR A 74 14.40 -6.35 -2.08
C THR A 74 13.79 -7.02 -0.88
N SER A 75 14.64 -7.59 -0.04
CA SER A 75 14.19 -8.25 1.17
C SER A 75 13.77 -7.21 2.21
N ILE A 76 13.03 -7.68 3.20
CA ILE A 76 12.66 -6.89 4.36
C ILE A 76 13.90 -6.40 5.10
N ARG A 77 14.86 -7.29 5.37
CA ARG A 77 16.11 -6.84 6.00
C ARG A 77 16.81 -5.76 5.16
N LYS A 78 16.83 -5.94 3.84
CA LYS A 78 17.56 -5.00 3.02
C LYS A 78 16.97 -3.60 3.05
N TYR A 79 15.66 -3.48 2.82
CA TYR A 79 15.10 -2.12 2.73
C TYR A 79 15.11 -1.44 4.07
N MET A 80 14.81 -2.19 5.13
CA MET A 80 14.77 -1.61 6.48
C MET A 80 16.15 -1.12 6.91
N THR A 81 17.18 -1.91 6.63
CA THR A 81 18.55 -1.62 7.06
C THR A 81 19.11 -0.43 6.24
N MET A 82 19.01 -0.52 4.92
CA MET A 82 19.43 0.59 4.04
C MET A 82 18.73 1.90 4.34
N ALA A 83 17.43 1.86 4.63
CA ALA A 83 16.67 3.07 4.90
C ALA A 83 17.03 3.65 6.27
N ALA A 84 17.12 2.79 7.28
CA ALA A 84 17.47 3.23 8.62
C ALA A 84 18.85 3.85 8.59
N GLU A 85 19.81 3.12 8.01
CA GLU A 85 21.21 3.55 8.08
C GLU A 85 21.47 4.76 7.19
N ALA A 86 20.75 4.86 6.08
CA ALA A 86 20.79 6.09 5.31
C ALA A 86 20.28 7.28 6.13
N ALA A 87 19.18 7.09 6.85
CA ALA A 87 18.59 8.20 7.64
C ALA A 87 19.51 8.64 8.78
N VAL A 88 20.14 7.67 9.42
CA VAL A 88 21.13 7.96 10.46
C VAL A 88 22.25 8.83 9.86
N LYS A 89 22.80 8.40 8.73
CA LYS A 89 23.86 9.14 8.06
C LYS A 89 23.47 10.57 7.65
N GLU A 90 22.23 10.79 7.18
CA GLU A 90 21.78 12.15 6.85
C GLU A 90 21.32 12.95 8.09
N GLY A 91 21.33 12.34 9.28
CA GLY A 91 20.72 12.93 10.46
C GLY A 91 19.22 13.20 10.35
N LEU A 92 18.48 12.37 9.61
CA LEU A 92 17.04 12.57 9.46
C LEU A 92 16.29 11.61 10.37
N VAL A 93 15.14 12.07 10.86
CA VAL A 93 14.12 11.20 11.46
C VAL A 93 13.29 10.57 10.36
N VAL A 94 13.14 9.25 10.39
CA VAL A 94 12.26 8.55 9.45
C VAL A 94 11.47 7.50 10.21
N GLU A 95 10.33 7.09 9.63
CA GLU A 95 9.61 5.93 10.12
C GLU A 95 9.85 4.77 9.17
N ILE A 96 10.35 3.68 9.71
CA ILE A 96 10.51 2.46 8.94
C ILE A 96 9.21 1.65 9.04
N GLU A 97 8.48 1.59 7.93
CA GLU A 97 7.16 0.95 7.93
C GLU A 97 7.15 -0.35 7.16
N ALA A 98 6.46 -1.33 7.73
CA ALA A 98 6.11 -2.55 7.04
C ALA A 98 4.71 -2.32 6.49
N ASP A 99 4.64 -2.05 5.19
CA ASP A 99 3.36 -1.83 4.52
C ASP A 99 2.66 -3.16 4.28
N HIS A 100 1.33 -3.10 4.13
CA HIS A 100 0.47 -4.23 3.73
C HIS A 100 0.94 -5.64 4.11
N LEU A 101 0.92 -5.93 5.41
CA LEU A 101 0.96 -7.33 5.85
C LEU A 101 -0.38 -7.91 5.44
N THR A 102 -0.37 -8.75 4.41
CA THR A 102 -1.59 -9.17 3.71
C THR A 102 -1.90 -10.64 3.90
N VAL A 103 -3.08 -10.92 4.45
CA VAL A 103 -3.66 -12.25 4.37
C VAL A 103 -4.14 -12.44 2.94
N ALA A 104 -3.65 -13.48 2.28
CA ALA A 104 -3.98 -13.78 0.88
C ALA A 104 -3.47 -15.18 0.56
N PRO A 105 -4.09 -15.85 -0.42
CA PRO A 105 -3.60 -17.19 -0.82
C PRO A 105 -2.26 -17.10 -1.57
N SER A 106 -2.01 -15.95 -2.20
CA SER A 106 -0.80 -15.77 -2.98
C SER A 106 -0.58 -14.30 -3.21
N ALA A 107 0.65 -13.97 -3.57
CA ALA A 107 1.00 -12.63 -4.01
C ALA A 107 0.35 -12.33 -5.36
N ALA A 108 0.21 -13.34 -6.21
CA ALA A 108 -0.42 -13.12 -7.51
C ALA A 108 -1.84 -12.62 -7.33
N GLU A 109 -2.60 -13.20 -6.39
CA GLU A 109 -3.96 -12.71 -6.05
C GLU A 109 -3.97 -11.28 -5.48
N ALA A 110 -3.07 -10.99 -4.54
CA ALA A 110 -2.92 -9.63 -3.98
C ALA A 110 -2.63 -8.60 -5.07
N VAL A 111 -1.87 -9.00 -6.09
CA VAL A 111 -1.55 -8.17 -7.26
C VAL A 111 -2.77 -7.96 -8.18
N LYS A 112 -3.48 -9.04 -8.48
CA LYS A 112 -4.69 -8.98 -9.30
C LYS A 112 -5.72 -8.03 -8.71
N ARG A 113 -5.80 -8.08 -7.39
CA ARG A 113 -6.64 -7.21 -6.59
C ARG A 113 -6.45 -5.71 -6.86
N ILE A 114 -5.23 -5.29 -7.21
CA ILE A 114 -4.94 -3.88 -7.48
C ILE A 114 -4.62 -3.59 -8.95
N SER A 115 -4.92 -4.55 -9.83
CA SER A 115 -4.66 -4.41 -11.27
C SER A 115 -5.95 -4.59 -12.09
N GLY A 116 -7.09 -4.31 -11.47
CA GLY A 116 -8.38 -4.45 -12.13
C GLY A 116 -8.80 -5.85 -12.51
N VAL A 117 -8.29 -6.87 -11.82
CA VAL A 117 -8.57 -8.26 -12.18
C VAL A 117 -9.51 -8.91 -11.16
N ARG A 118 -10.68 -9.35 -11.64
CA ARG A 118 -11.65 -10.05 -10.81
C ARG A 118 -11.27 -11.52 -10.66
N THR A 119 -11.16 -12.00 -9.42
CA THR A 119 -10.86 -13.42 -9.17
C THR A 119 -11.88 -14.16 -8.29
N GLU A 120 -12.63 -13.42 -7.47
CA GLU A 120 -13.46 -14.02 -6.41
C GLU A 120 -12.95 -15.39 -5.87
N TYR A 121 -11.65 -15.46 -5.62
CA TYR A 121 -11.01 -16.59 -4.94
C TYR A 121 -11.49 -16.64 -3.49
N ARG A 122 -11.61 -17.84 -2.93
CA ARG A 122 -12.03 -18.00 -1.54
C ARG A 122 -11.02 -18.87 -0.82
N MET A 123 -10.57 -18.41 0.33
CA MET A 123 -9.40 -18.99 0.99
C MET A 123 -9.82 -20.23 1.78
N SER A 124 -9.03 -21.30 1.71
CA SER A 124 -9.21 -22.46 2.60
C SER A 124 -8.61 -22.19 3.96
N GLU A 125 -8.92 -23.06 4.92
CA GLU A 125 -8.43 -22.91 6.29
C GLU A 125 -6.92 -23.12 6.39
N LYS A 126 -6.42 -24.07 5.60
CA LYS A 126 -4.97 -24.30 5.50
C LYS A 126 -4.28 -23.04 4.97
N GLU A 127 -4.85 -22.45 3.92
CA GLU A 127 -4.29 -21.23 3.30
C GLU A 127 -4.21 -20.05 4.30
N LEU A 128 -5.28 -19.83 5.04
CA LEU A 128 -5.33 -18.86 6.13
C LEU A 128 -4.19 -19.09 7.11
N GLY A 129 -4.01 -20.34 7.51
CA GLY A 129 -2.96 -20.70 8.43
C GLY A 129 -1.57 -20.42 7.89
N GLU A 130 -1.33 -20.77 6.64
CA GLU A 130 -0.01 -20.54 6.05
C GLU A 130 0.23 -19.08 5.76
N SER A 131 -0.83 -18.36 5.40
CA SER A 131 -0.75 -16.93 5.17
C SER A 131 -0.36 -16.22 6.47
N LEU A 132 -1.03 -16.57 7.57
CA LEU A 132 -0.67 -16.04 8.89
C LEU A 132 0.77 -16.39 9.29
N ASN A 133 1.21 -17.63 9.03
CA ASN A 133 2.60 -18.02 9.39
C ASN A 133 3.64 -17.31 8.53
N TYR A 134 3.33 -17.07 7.26
CA TYR A 134 4.17 -16.26 6.40
C TYR A 134 4.29 -14.82 6.97
N ILE A 135 3.17 -14.25 7.37
CA ILE A 135 3.18 -12.93 8.00
C ILE A 135 4.04 -12.87 9.26
N LYS A 136 3.98 -13.91 10.10
CA LYS A 136 4.83 -13.98 11.30
C LYS A 136 6.30 -14.04 10.92
N ALA A 137 6.63 -14.83 9.92
CA ALA A 137 8.02 -14.92 9.48
C ALA A 137 8.49 -13.57 8.94
N GLU A 138 7.60 -12.84 8.25
CA GLU A 138 7.93 -11.50 7.75
C GLU A 138 8.18 -10.55 8.91
N ILE A 139 7.32 -10.63 9.91
CA ILE A 139 7.46 -9.87 11.12
C ILE A 139 8.79 -10.20 11.81
N ASP A 140 9.15 -11.48 11.92
CA ASP A 140 10.41 -11.84 12.57
C ASP A 140 11.57 -11.17 11.88
N GLU A 141 11.60 -11.19 10.56
CA GLU A 141 12.68 -10.52 9.82
C GLU A 141 12.71 -9.01 10.11
N ALA A 142 11.55 -8.36 10.08
CA ALA A 142 11.48 -6.91 10.41
C ALA A 142 12.01 -6.63 11.82
N VAL A 143 11.51 -7.39 12.78
CA VAL A 143 11.94 -7.22 14.16
C VAL A 143 13.45 -7.41 14.30
N SER A 144 13.99 -8.41 13.61
CA SER A 144 15.42 -8.73 13.76
C SER A 144 16.35 -7.61 13.28
N THR A 145 15.86 -6.68 12.45
CA THR A 145 16.69 -5.54 11.97
C THR A 145 16.96 -4.51 13.07
N GLY A 146 16.12 -4.53 14.11
CA GLY A 146 16.11 -3.50 15.14
C GLY A 146 15.55 -2.16 14.69
N TYR A 147 14.95 -2.07 13.50
CA TYR A 147 14.58 -0.75 12.96
C TYR A 147 13.10 -0.49 12.66
N VAL A 148 12.26 -1.50 12.75
CA VAL A 148 10.85 -1.37 12.32
C VAL A 148 10.05 -0.62 13.37
N ASN A 149 9.27 0.36 12.93
CA ASN A 149 8.54 1.26 13.80
C ASN A 149 7.02 1.13 13.69
N PHE A 150 6.55 0.49 12.62
CA PHE A 150 5.16 0.69 12.23
C PHE A 150 4.73 -0.41 11.26
N TYR A 151 3.51 -0.89 11.43
CA TYR A 151 2.97 -2.01 10.61
C TYR A 151 1.58 -1.66 10.11
N THR A 152 1.30 -2.01 8.85
CA THR A 152 -0.01 -1.88 8.23
C THR A 152 -0.58 -3.28 8.04
N ILE A 153 -1.80 -3.50 8.51
CA ILE A 153 -2.40 -4.83 8.48
C ILE A 153 -3.52 -4.84 7.47
N ASP A 154 -3.50 -5.83 6.57
CA ASP A 154 -4.46 -5.94 5.48
C ASP A 154 -5.12 -7.32 5.53
N THR A 155 -6.35 -7.38 6.01
CA THR A 155 -7.10 -8.64 6.12
C THR A 155 -8.37 -8.57 5.28
N CYS A 156 -8.32 -7.75 4.25
CA CYS A 156 -9.51 -7.45 3.43
C CYS A 156 -10.00 -8.71 2.67
N PHE A 157 -9.07 -9.58 2.32
CA PHE A 157 -9.44 -10.87 1.72
C PHE A 157 -10.47 -11.63 2.58
N LEU A 158 -10.46 -11.43 3.90
CA LEU A 158 -11.36 -12.20 4.78
C LEU A 158 -12.72 -11.56 4.97
N ILE A 159 -12.98 -10.42 4.34
CA ILE A 159 -14.27 -9.78 4.53
C ILE A 159 -15.35 -10.68 3.92
N ASP A 160 -16.43 -10.88 4.66
CA ASP A 160 -17.49 -11.75 4.19
C ASP A 160 -18.62 -10.92 3.64
N TYR A 161 -18.64 -10.76 2.31
CA TYR A 161 -19.71 -10.04 1.63
C TYR A 161 -21.06 -10.81 1.60
N SER A 162 -21.08 -12.07 2.01
CA SER A 162 -22.36 -12.80 2.08
C SER A 162 -23.28 -12.32 3.21
N ALA A 163 -22.69 -11.75 4.26
CA ALA A 163 -23.47 -11.25 5.40
C ALA A 163 -24.47 -10.19 4.97
N GLU A 164 -24.10 -9.35 4.00
CA GLU A 164 -24.99 -8.33 3.45
C GLU A 164 -26.23 -8.88 2.74
N GLU A 165 -26.15 -10.11 2.25
CA GLU A 165 -27.26 -10.70 1.49
C GLU A 165 -28.08 -11.76 2.25
N MET A 166 -27.57 -12.28 3.37
CA MET A 166 -28.30 -13.26 4.18
C MET A 166 -29.73 -12.83 4.48
N SER A 167 -30.65 -13.77 4.50
CA SER A 167 -32.03 -13.46 4.90
C SER A 167 -32.03 -13.11 6.39
N PRO A 168 -33.03 -12.32 6.84
CA PRO A 168 -33.07 -12.01 8.27
C PRO A 168 -33.02 -13.26 9.15
N GLY A 169 -33.68 -14.33 8.73
CA GLY A 169 -33.71 -15.59 9.50
C GLY A 169 -32.34 -16.22 9.64
N GLU A 170 -31.61 -16.27 8.54
CA GLU A 170 -30.23 -16.79 8.53
C GLU A 170 -29.29 -15.90 9.36
N LEU A 171 -29.34 -14.60 9.08
CA LEU A 171 -28.57 -13.58 9.79
C LEU A 171 -28.68 -13.72 11.30
N GLU A 172 -29.92 -13.67 11.76
CA GLU A 172 -30.19 -13.68 13.19
C GLU A 172 -29.70 -14.95 13.85
N SER A 173 -29.89 -16.08 13.17
CA SER A 173 -29.48 -17.39 13.68
C SER A 173 -27.94 -17.53 13.77
N LYS A 174 -27.27 -17.13 12.71
CA LYS A 174 -25.81 -17.14 12.67
C LYS A 174 -25.20 -16.18 13.72
N PHE A 175 -25.79 -14.99 13.84
CA PHE A 175 -25.37 -13.98 14.82
C PHE A 175 -25.43 -14.54 16.23
N SER A 176 -26.59 -15.07 16.64
CA SER A 176 -26.75 -15.70 17.96
C SER A 176 -25.75 -16.79 18.17
N THR A 177 -25.61 -17.68 17.19
CA THR A 177 -24.72 -18.82 17.37
C THR A 177 -23.28 -18.40 17.60
N ILE A 178 -22.73 -17.51 16.80
CA ILE A 178 -21.32 -17.20 16.99
C ILE A 178 -21.07 -16.28 18.18
N PHE A 179 -21.99 -15.37 18.50
CA PHE A 179 -21.74 -14.40 19.59
C PHE A 179 -22.30 -14.77 20.95
N GLY A 180 -23.21 -15.73 20.98
CA GLY A 180 -23.76 -16.29 22.21
C GLY A 180 -24.28 -15.27 23.20
N ASP A 181 -23.80 -15.37 24.42
CA ASP A 181 -24.16 -14.44 25.49
C ASP A 181 -23.54 -13.04 25.29
N GLY A 182 -22.58 -12.91 24.37
CA GLY A 182 -22.06 -11.59 23.99
C GLY A 182 -22.93 -10.77 23.03
N ALA A 183 -23.99 -11.39 22.50
CA ALA A 183 -24.81 -10.79 21.46
C ALA A 183 -25.49 -9.46 21.86
N GLY A 184 -26.12 -9.45 23.03
CA GLY A 184 -26.81 -8.28 23.54
C GLY A 184 -25.85 -7.11 23.77
N ASP A 185 -24.70 -7.40 24.33
CA ASP A 185 -23.66 -6.39 24.52
C ASP A 185 -23.23 -5.75 23.21
N LEU A 186 -22.99 -6.58 22.20
CA LEU A 186 -22.54 -6.10 20.89
C LEU A 186 -23.62 -5.19 20.24
N LEU A 187 -24.87 -5.61 20.32
CA LEU A 187 -25.97 -4.75 19.87
C LEU A 187 -26.06 -3.43 20.65
N LYS A 188 -25.86 -3.49 21.97
CA LYS A 188 -25.98 -2.27 22.80
C LYS A 188 -24.92 -1.20 22.52
N ARG A 189 -23.76 -1.61 22.01
CA ARG A 189 -22.73 -0.65 21.65
C ARG A 189 -23.23 0.34 20.60
N TYR A 190 -24.19 -0.07 19.77
CA TYR A 190 -24.57 0.69 18.59
C TYR A 190 -26.05 1.07 18.50
N VAL A 191 -26.95 0.13 18.79
CA VAL A 191 -28.35 0.30 18.43
C VAL A 191 -29.04 1.30 19.33
N GLY A 192 -29.79 2.21 18.70
CA GLY A 192 -30.50 3.24 19.46
C GLY A 192 -29.61 4.35 19.97
N ARG A 193 -28.44 4.54 19.36
CA ARG A 193 -27.54 5.62 19.72
C ARG A 193 -27.35 6.53 18.52
N GLN A 194 -27.34 7.83 18.74
CA GLN A 194 -26.89 8.80 17.75
C GLN A 194 -25.38 9.07 17.84
N PHE A 195 -24.64 8.50 16.89
CA PHE A 195 -23.24 8.79 16.73
C PHE A 195 -23.10 10.10 15.97
N VAL A 196 -22.29 11.02 16.51
CA VAL A 196 -22.02 12.27 15.82
C VAL A 196 -20.51 12.45 15.68
N TYR A 197 -20.06 12.69 14.45
CA TYR A 197 -18.67 13.00 14.17
C TYR A 197 -18.61 14.31 13.43
N ILE A 198 -17.71 15.18 13.88
CA ILE A 198 -17.58 16.53 13.35
C ILE A 198 -16.31 16.60 12.51
N GLY A 199 -16.45 16.98 11.24
CA GLY A 199 -15.30 17.01 10.34
C GLY A 199 -14.69 18.39 10.24
N GLU A 200 -13.62 18.51 9.49
CA GLU A 200 -12.89 19.78 9.35
C GLU A 200 -13.77 20.94 8.93
N ARG A 201 -14.78 20.67 8.12
CA ARG A 201 -15.73 21.68 7.72
C ARG A 201 -16.57 22.23 8.88
N GLY A 202 -16.72 21.45 9.96
CA GLY A 202 -17.57 21.85 11.08
C GLY A 202 -18.98 21.31 10.93
N ILE A 203 -19.19 20.49 9.91
CA ILE A 203 -20.47 19.87 9.75
C ILE A 203 -20.52 18.66 10.64
N PRO A 204 -21.51 18.59 11.53
CA PRO A 204 -21.62 17.35 12.30
C PRO A 204 -22.42 16.34 11.51
N TYR A 205 -21.89 15.12 11.41
CA TYR A 205 -22.55 14.03 10.70
C TYR A 205 -23.19 13.04 11.66
N CYS A 206 -24.47 12.72 11.46
CA CYS A 206 -25.21 11.81 12.34
CA CYS A 206 -25.20 11.83 12.36
C CYS A 206 -25.28 10.43 11.76
N PHE A 207 -25.03 9.41 12.57
CA PHE A 207 -25.22 8.01 12.14
C PHE A 207 -25.96 7.26 13.22
N THR A 208 -26.95 6.46 12.82
CA THR A 208 -27.58 5.49 13.73
C THR A 208 -27.56 4.09 13.10
N PHE A 209 -27.74 3.09 13.94
CA PHE A 209 -27.62 1.70 13.59
C PHE A 209 -28.90 0.94 13.98
N THR A 210 -29.41 0.08 13.07
CA THR A 210 -30.47 -0.88 13.42
C THR A 210 -29.81 -2.18 13.89
N ASN A 211 -30.57 -3.04 14.57
CA ASN A 211 -30.07 -4.37 14.93
C ASN A 211 -29.59 -5.17 13.74
N GLU A 212 -30.36 -5.13 12.66
CA GLU A 212 -30.00 -5.86 11.47
C GLU A 212 -28.65 -5.38 10.92
N GLU A 213 -28.45 -4.05 10.86
CA GLU A 213 -27.15 -3.49 10.43
C GLU A 213 -25.99 -4.01 11.26
N VAL A 214 -26.15 -4.01 12.58
CA VAL A 214 -25.06 -4.46 13.45
C VAL A 214 -24.79 -5.95 13.25
N MET A 215 -25.86 -6.74 13.12
CA MET A 215 -25.73 -8.16 12.85
C MET A 215 -24.93 -8.41 11.55
N ARG A 216 -25.24 -7.65 10.50
CA ARG A 216 -24.57 -7.80 9.21
C ARG A 216 -23.12 -7.40 9.27
N LEU A 217 -22.85 -6.24 9.89
CA LEU A 217 -21.47 -5.76 10.07
C LEU A 217 -20.66 -6.76 10.87
N ALA A 218 -21.28 -7.30 11.90
CA ALA A 218 -20.59 -8.24 12.80
C ALA A 218 -20.16 -9.52 12.09
N LEU A 219 -21.05 -10.08 11.28
CA LEU A 219 -20.72 -11.28 10.51
C LEU A 219 -19.77 -10.97 9.36
N LYS A 220 -19.98 -9.83 8.71
CA LYS A 220 -19.11 -9.37 7.63
C LYS A 220 -17.64 -9.28 8.06
N TYR A 221 -17.40 -8.72 9.23
CA TYR A 221 -16.02 -8.42 9.62
C TYR A 221 -15.42 -9.35 10.65
N ARG A 222 -16.17 -10.36 11.13
CA ARG A 222 -15.63 -11.24 12.18
C ARG A 222 -14.27 -11.89 11.90
N GLU A 223 -14.13 -12.49 10.73
CA GLU A 223 -12.86 -13.15 10.38
C GLU A 223 -11.72 -12.14 10.19
N SER A 224 -12.01 -11.00 9.54
CA SER A 224 -11.03 -9.90 9.40
C SER A 224 -10.52 -9.46 10.77
N LEU A 225 -11.45 -9.18 11.69
CA LEU A 225 -11.10 -8.82 13.05
C LEU A 225 -10.27 -9.87 13.80
N LYS A 226 -10.65 -11.13 13.72
CA LYS A 226 -9.90 -12.19 14.41
C LYS A 226 -8.44 -12.28 13.93
N ALA A 227 -8.24 -12.25 12.62
CA ALA A 227 -6.92 -12.32 12.02
C ALA A 227 -6.10 -11.08 12.38
N THR A 228 -6.76 -9.94 12.38
CA THR A 228 -6.10 -8.71 12.75
C THR A 228 -5.61 -8.84 14.21
N LYS A 229 -6.47 -9.34 15.08
CA LYS A 229 -6.09 -9.61 16.47
C LYS A 229 -4.86 -10.54 16.60
N THR A 230 -4.92 -11.66 15.89
CA THR A 230 -3.84 -12.64 15.89
C THR A 230 -2.53 -12.00 15.43
N ILE A 231 -2.59 -11.26 14.34
CA ILE A 231 -1.41 -10.59 13.83
C ILE A 231 -0.88 -9.57 14.85
N CYS A 232 -1.79 -8.76 15.39
CA CYS A 232 -1.41 -7.71 16.35
C CYS A 232 -0.83 -8.28 17.63
N ASP A 233 -1.43 -9.36 18.12
CA ASP A 233 -0.88 -10.05 19.28
C ASP A 233 0.56 -10.55 19.02
N TYR A 234 0.81 -11.11 17.84
CA TYR A 234 2.16 -11.60 17.54
C TYR A 234 3.16 -10.44 17.49
N ILE A 235 2.80 -9.34 16.79
CA ILE A 235 3.65 -8.15 16.77
C ILE A 235 3.95 -7.66 18.20
N LYS A 236 2.92 -7.62 19.03
CA LYS A 236 3.10 -7.24 20.44
C LYS A 236 4.06 -8.17 21.20
N SER A 237 3.99 -9.47 20.93
CA SER A 237 4.86 -10.42 21.59
C SER A 237 6.30 -10.21 21.19
N LYS A 238 6.56 -9.58 20.04
CA LYS A 238 7.93 -9.48 19.52
C LYS A 238 8.61 -8.13 19.65
N MET A 239 7.86 -7.07 19.88
CA MET A 239 8.40 -5.71 19.85
C MET A 239 8.82 -5.17 21.21
N SER A 240 10.08 -4.78 21.34
CA SER A 240 10.57 -4.18 22.60
C SER A 240 10.61 -2.65 22.55
N LYS A 241 10.33 -2.07 21.40
CA LYS A 241 10.13 -0.63 21.25
C LYS A 241 8.68 -0.27 20.83
N PRO A 242 8.28 0.99 21.03
CA PRO A 242 6.93 1.37 20.61
C PRO A 242 6.71 1.34 19.10
N TYR A 243 5.47 1.13 18.70
CA TYR A 243 5.08 1.03 17.29
C TYR A 243 3.59 1.34 17.16
N GLY A 244 3.19 1.61 15.94
CA GLY A 244 1.80 1.84 15.63
C GLY A 244 1.30 0.88 14.56
N ILE A 245 -0.02 0.87 14.41
CA ILE A 245 -0.72 -0.01 13.49
C ILE A 245 -1.54 0.84 12.53
N GLU A 246 -1.53 0.47 11.25
CA GLU A 246 -2.50 1.01 10.29
C GLU A 246 -3.39 -0.11 9.79
N ILE A 247 -4.68 0.18 9.65
CA ILE A 247 -5.65 -0.73 9.07
C ILE A 247 -5.82 -0.43 7.58
N ALA A 248 -5.41 -1.38 6.75
CA ALA A 248 -5.63 -1.30 5.30
C ALA A 248 -7.07 -1.74 4.99
N PHE A 249 -7.90 -0.83 4.53
CA PHE A 249 -9.33 -1.09 4.30
C PHE A 249 -9.64 -0.71 2.83
N ASP A 250 -8.61 -0.65 1.99
CA ASP A 250 -8.69 0.08 0.71
C ASP A 250 -8.74 -0.82 -0.52
N GLU A 251 -8.34 -2.08 -0.37
CA GLU A 251 -8.34 -3.00 -1.49
C GLU A 251 -9.61 -3.83 -1.42
N THR A 252 -10.74 -3.14 -1.56
CA THR A 252 -12.06 -3.72 -1.51
C THR A 252 -12.78 -3.36 -2.83
N PRO A 253 -13.87 -4.07 -3.15
CA PRO A 253 -14.51 -3.81 -4.44
C PRO A 253 -15.42 -2.56 -4.48
N SER A 254 -15.73 -1.97 -3.33
CA SER A 254 -16.54 -0.74 -3.35
C SER A 254 -16.04 0.28 -2.32
N LEU A 255 -16.56 1.50 -2.43
CA LEU A 255 -16.16 2.59 -1.56
C LEU A 255 -16.40 2.20 -0.11
N THR A 256 -15.54 2.65 0.80
CA THR A 256 -15.75 2.40 2.21
C THR A 256 -16.96 3.18 2.70
N LYS A 257 -17.86 2.52 3.40
CA LYS A 257 -19.06 3.18 3.97
C LYS A 257 -18.79 3.66 5.38
N CYS A 258 -19.33 4.84 5.72
CA CYS A 258 -19.08 5.42 7.05
C CYS A 258 -19.39 4.44 8.20
N LYS A 259 -20.58 3.83 8.17
CA LYS A 259 -20.95 2.88 9.23
C LYS A 259 -20.04 1.68 9.35
N ASP A 260 -19.55 1.17 8.23
CA ASP A 260 -18.55 0.10 8.27
C ASP A 260 -17.30 0.48 9.06
N MET A 261 -16.80 1.70 8.83
CA MET A 261 -15.59 2.16 9.47
C MET A 261 -15.77 2.47 10.96
N ILE A 262 -16.88 3.12 11.31
CA ILE A 262 -17.27 3.32 12.70
C ILE A 262 -17.28 1.98 13.42
N PHE A 263 -17.93 0.99 12.82
CA PHE A 263 -18.04 -0.33 13.44
C PHE A 263 -16.68 -1.00 13.51
N TYR A 264 -15.91 -0.95 12.42
CA TYR A 264 -14.62 -1.65 12.44
C TYR A 264 -13.70 -1.06 13.52
N LEU A 265 -13.61 0.27 13.58
CA LEU A 265 -12.69 0.94 14.52
C LEU A 265 -13.13 0.68 15.95
N ARG A 266 -14.42 0.73 16.19
CA ARG A 266 -14.93 0.52 17.53
C ARG A 266 -14.70 -0.93 18.00
N GLU A 267 -14.94 -1.92 17.14
CA GLU A 267 -14.71 -3.31 17.53
C GLU A 267 -13.23 -3.58 17.76
N LEU A 268 -12.35 -2.94 16.99
CA LEU A 268 -10.92 -3.04 17.25
C LEU A 268 -10.60 -2.48 18.64
N TRP A 269 -11.14 -1.32 18.94
CA TRP A 269 -10.94 -0.70 20.22
C TRP A 269 -11.38 -1.63 21.35
N GLU A 270 -12.55 -2.29 21.21
CA GLU A 270 -13.04 -3.17 22.26
C GLU A 270 -12.02 -4.27 22.57
N ILE A 271 -11.37 -4.82 21.55
CA ILE A 271 -10.38 -5.87 21.81
C ILE A 271 -8.97 -5.32 22.06
N GLY A 272 -8.85 -4.01 22.28
CA GLY A 272 -7.58 -3.42 22.71
C GLY A 272 -6.67 -2.95 21.59
N ILE A 273 -7.24 -2.70 20.40
CA ILE A 273 -6.43 -2.25 19.27
C ILE A 273 -6.88 -0.86 18.84
N LYS A 274 -5.93 0.08 18.87
CA LYS A 274 -6.20 1.44 18.44
C LYS A 274 -5.26 1.77 17.32
N PRO A 275 -5.73 1.68 16.08
CA PRO A 275 -4.86 2.07 14.99
C PRO A 275 -4.59 3.57 14.97
N ASP A 276 -3.39 3.93 14.53
CA ASP A 276 -3.04 5.32 14.27
C ASP A 276 -3.60 5.81 12.96
N PHE A 277 -3.72 4.89 12.02
CA PHE A 277 -4.23 5.21 10.69
C PHE A 277 -5.22 4.16 10.19
N ILE A 278 -6.17 4.64 9.39
CA ILE A 278 -7.02 3.73 8.61
C ILE A 278 -7.09 4.21 7.15
N ALA A 279 -7.06 3.27 6.22
CA ALA A 279 -6.95 3.51 4.81
C ALA A 279 -8.22 3.05 4.11
N PRO A 280 -9.19 3.97 3.98
CA PRO A 280 -10.43 3.65 3.31
C PRO A 280 -10.29 3.59 1.77
N ASN A 281 -11.23 2.91 1.14
CA ASN A 281 -11.41 2.99 -0.30
C ASN A 281 -12.26 4.24 -0.56
N ILE A 282 -11.63 5.26 -1.16
CA ILE A 282 -12.30 6.52 -1.52
C ILE A 282 -12.38 6.71 -3.04
N GLY A 283 -12.12 5.65 -3.79
CA GLY A 283 -12.21 5.69 -5.25
C GLY A 283 -10.90 6.02 -5.94
N PHE A 284 -9.79 5.90 -5.24
CA PHE A 284 -8.48 6.06 -5.88
C PHE A 284 -8.10 4.72 -6.52
N GLU A 285 -7.59 4.80 -7.75
CA GLU A 285 -7.12 3.62 -8.47
C GLU A 285 -5.67 3.72 -8.81
N LYS A 286 -5.00 2.57 -8.76
CA LYS A 286 -3.57 2.47 -9.09
C LYS A 286 -3.31 2.98 -10.51
N ARG A 287 -2.16 3.62 -10.70
CA ARG A 287 -1.68 4.07 -12.02
C ARG A 287 -2.63 5.04 -12.74
N LYS A 288 -3.53 5.70 -12.00
CA LYS A 288 -4.48 6.68 -12.59
C LYS A 288 -4.69 7.90 -11.69
N ASP A 289 -4.74 9.09 -12.31
CA ASP A 289 -5.25 10.29 -11.65
C ASP A 289 -6.68 9.99 -11.17
N TYR A 290 -7.19 10.79 -10.23
CA TYR A 290 -8.51 10.53 -9.68
C TYR A 290 -9.59 10.79 -10.73
N MET A 291 -10.47 9.82 -10.95
CA MET A 291 -11.43 9.84 -12.09
C MET A 291 -12.89 10.17 -11.68
N GLY A 292 -13.08 10.78 -10.52
CA GLY A 292 -14.41 11.11 -10.02
C GLY A 292 -14.68 12.59 -9.79
N ASP A 293 -15.79 12.87 -9.12
CA ASP A 293 -16.19 14.23 -8.74
C ASP A 293 -15.38 14.66 -7.52
N LEU A 294 -14.68 15.79 -7.64
CA LEU A 294 -13.83 16.33 -6.57
C LEU A 294 -14.61 16.83 -5.35
N LYS A 295 -15.83 17.30 -5.58
CA LYS A 295 -16.73 17.77 -4.54
C LYS A 295 -17.24 16.59 -3.71
N VAL A 296 -17.63 15.51 -4.39
CA VAL A 296 -18.04 14.25 -3.73
C VAL A 296 -16.86 13.59 -2.99
N LEU A 297 -15.67 13.70 -3.56
CA LEU A 297 -14.46 13.19 -2.93
C LEU A 297 -14.25 13.92 -1.61
N GLU A 298 -14.21 15.23 -1.67
CA GLU A 298 -14.05 16.04 -0.47
C GLU A 298 -15.10 15.73 0.61
N GLU A 299 -16.37 15.56 0.22
CA GLU A 299 -17.46 15.27 1.17
C GLU A 299 -17.23 13.95 1.88
N ARG A 300 -16.90 12.95 1.10
CA ARG A 300 -16.69 11.62 1.61
C ARG A 300 -15.45 11.51 2.53
N VAL A 301 -14.36 12.20 2.18
CA VAL A 301 -13.12 12.17 2.97
C VAL A 301 -13.33 12.99 4.25
N ASP A 302 -14.10 14.06 4.14
CA ASP A 302 -14.41 14.91 5.31
C ASP A 302 -15.12 14.07 6.37
N LYS A 303 -16.09 13.28 5.92
CA LYS A 303 -16.80 12.34 6.81
C LYS A 303 -15.89 11.26 7.38
N LEU A 304 -15.14 10.60 6.51
CA LEU A 304 -14.34 9.47 6.96
C LEU A 304 -13.19 9.92 7.90
N ALA A 305 -12.60 11.08 7.62
CA ALA A 305 -11.58 11.66 8.49
C ALA A 305 -12.14 12.02 9.88
N ALA A 306 -13.38 12.51 9.92
CA ALA A 306 -14.05 12.88 11.18
C ALA A 306 -14.18 11.65 12.05
N ILE A 307 -14.59 10.55 11.41
CA ILE A 307 -14.75 9.30 12.11
C ILE A 307 -13.44 8.75 12.64
N ALA A 308 -12.43 8.67 11.78
CA ALA A 308 -11.10 8.22 12.21
C ALA A 308 -10.57 9.09 13.38
N ARG A 309 -10.77 10.40 13.28
CA ARG A 309 -10.33 11.34 14.32
C ARG A 309 -10.82 10.95 15.71
N ALA A 310 -12.08 10.55 15.84
CA ALA A 310 -12.66 10.20 17.13
C ALA A 310 -12.09 8.92 17.74
N PHE A 311 -11.34 8.16 16.95
CA PHE A 311 -10.60 7.00 17.44
C PHE A 311 -9.13 7.27 17.50
N GLY A 312 -8.74 8.55 17.49
CA GLY A 312 -7.34 8.91 17.57
C GLY A 312 -6.53 8.45 16.38
N ALA A 313 -7.14 8.52 15.20
CA ALA A 313 -6.50 8.08 13.97
C ALA A 313 -6.63 9.10 12.86
N LEU A 314 -5.68 9.05 11.93
CA LEU A 314 -5.74 9.79 10.70
C LEU A 314 -6.05 8.86 9.51
N LEU A 315 -6.59 9.40 8.43
CA LEU A 315 -6.73 8.65 7.19
C LEU A 315 -5.36 8.42 6.59
N SER A 316 -5.14 7.24 6.01
CA SER A 316 -3.95 6.98 5.23
C SER A 316 -4.41 6.71 3.81
N ILE A 317 -3.86 7.47 2.87
CA ILE A 317 -4.34 7.43 1.49
C ILE A 317 -3.40 6.60 0.64
N HIS A 318 -3.88 5.42 0.24
CA HIS A 318 -3.18 4.52 -0.67
C HIS A 318 -3.54 4.79 -2.13
N SER A 319 -2.83 4.10 -3.03
CA SER A 319 -2.88 4.37 -4.48
C SER A 319 -2.69 5.86 -4.75
N GLY A 320 -1.70 6.44 -4.08
CA GLY A 320 -1.47 7.88 -4.14
C GLY A 320 -0.93 8.46 -5.43
N GLY A 322 -0.51 8.83 -9.58
CA GLY A 322 -1.53 8.97 -10.61
C GLY A 322 -1.16 8.36 -11.95
N SER A 323 -1.69 8.98 -13.00
CA SER A 323 -1.53 8.52 -14.36
C SER A 323 -0.07 8.55 -14.81
N SER A 324 0.70 9.52 -14.34
CA SER A 324 2.12 9.57 -14.68
C SER A 324 2.99 10.00 -13.52
N PRO A 325 4.31 9.79 -13.65
CA PRO A 325 5.22 10.33 -12.66
C PRO A 325 5.10 11.84 -12.41
N TYR A 326 4.60 12.59 -13.39
CA TYR A 326 4.52 14.05 -13.28
C TYR A 326 3.12 14.59 -12.95
N SER A 327 2.11 13.71 -12.92
CA SER A 327 0.71 14.16 -12.80
C SER A 327 0.18 14.28 -11.35
N GLY A 328 0.98 13.90 -10.37
CA GLY A 328 0.48 13.81 -8.99
C GLY A 328 -0.71 12.87 -8.99
N LYS A 329 -1.84 13.32 -8.43
CA LYS A 329 -3.08 12.54 -8.49
C LYS A 329 -4.20 13.28 -9.21
N GLY A 330 -3.84 14.22 -10.09
CA GLY A 330 -4.84 15.00 -10.83
C GLY A 330 -4.92 16.41 -10.28
N ILE A 331 -5.29 17.36 -11.14
CA ILE A 331 -5.47 18.76 -10.75
C ILE A 331 -6.62 18.83 -9.78
N GLY A 332 -6.41 19.51 -8.65
CA GLY A 332 -7.50 19.70 -7.69
C GLY A 332 -7.63 18.60 -6.65
N THR A 333 -6.98 17.45 -6.86
CA THR A 333 -7.16 16.29 -5.97
C THR A 333 -6.53 16.54 -4.59
N TYR A 334 -5.28 16.99 -4.55
CA TYR A 334 -4.65 17.26 -3.28
C TYR A 334 -5.40 18.31 -2.47
N GLU A 335 -5.94 19.31 -3.17
CA GLU A 335 -6.60 20.41 -2.47
C GLU A 335 -7.85 19.95 -1.74
N ALA A 336 -8.61 19.09 -2.41
CA ALA A 336 -9.80 18.51 -1.83
C ALA A 336 -9.46 17.65 -0.61
N LEU A 337 -8.39 16.86 -0.70
CA LEU A 337 -7.96 16.05 0.44
C LEU A 337 -7.57 16.93 1.63
N LEU A 338 -6.85 18.03 1.34
CA LEU A 338 -6.34 18.93 2.37
C LEU A 338 -7.47 19.64 3.08
N ARG A 339 -8.47 20.09 2.33
CA ARG A 339 -9.65 20.74 2.92
C ARG A 339 -10.38 19.75 3.82
N ALA A 340 -10.63 18.55 3.30
CA ALA A 340 -11.29 17.49 4.07
C ALA A 340 -10.55 17.03 5.35
N THR A 341 -9.23 17.16 5.40
CA THR A 341 -8.45 16.65 6.54
C THR A 341 -7.70 17.73 7.33
N GLY A 342 -7.83 18.97 6.89
CA GLY A 342 -7.01 20.06 7.37
C GLY A 342 -5.52 19.76 7.30
N GLY A 343 -5.08 18.93 6.33
CA GLY A 343 -3.67 18.56 6.23
C GLY A 343 -3.23 17.37 7.07
N LYS A 344 -4.11 16.91 7.95
CA LYS A 344 -3.84 15.78 8.86
C LYS A 344 -4.12 14.47 8.15
N ILE A 345 -3.08 13.96 7.52
CA ILE A 345 -3.25 12.94 6.52
C ILE A 345 -1.94 12.23 6.32
N LYS A 346 -2.05 10.92 6.12
CA LYS A 346 -0.92 10.10 5.66
C LYS A 346 -1.12 9.80 4.19
N TYR A 347 -0.04 9.84 3.43
CA TYR A 347 -0.15 9.63 1.99
C TYR A 347 0.95 8.72 1.50
N LYS A 348 0.54 7.71 0.70
CA LYS A 348 1.41 6.64 0.25
C LYS A 348 1.60 6.59 -1.25
N ILE A 349 2.87 6.54 -1.66
CA ILE A 349 3.23 6.26 -3.08
C ILE A 349 4.40 5.27 -3.06
N SER A 350 4.62 4.55 -4.17
CA SER A 350 5.71 3.57 -4.25
C SER A 350 6.09 3.19 -5.67
N GLY A 351 5.15 2.55 -6.38
CA GLY A 351 5.45 2.06 -7.72
C GLY A 351 5.81 3.15 -8.72
N VAL A 352 5.34 4.38 -8.46
CA VAL A 352 5.57 5.51 -9.36
C VAL A 352 7.06 5.81 -9.60
N TYR A 353 7.92 5.49 -8.63
CA TYR A 353 9.37 5.69 -8.80
C TYR A 353 10.03 4.78 -9.85
N ILE A 354 9.51 3.57 -10.01
CA ILE A 354 10.00 2.64 -11.03
C ILE A 354 9.41 2.97 -12.39
N GLU A 355 8.15 3.41 -12.40
CA GLU A 355 7.55 3.90 -13.64
C GLU A 355 8.39 5.10 -14.13
N LEU A 356 8.84 5.93 -13.19
CA LEU A 356 9.69 7.08 -13.50
C LEU A 356 11.03 6.62 -14.10
N LEU A 357 11.62 5.61 -13.48
CA LEU A 357 12.85 5.02 -13.94
C LEU A 357 12.70 4.54 -15.38
N PHE A 358 11.70 3.72 -15.63
CA PHE A 358 11.54 3.10 -16.94
C PHE A 358 11.26 4.11 -18.05
N GLU A 359 10.47 5.13 -17.76
CA GLU A 359 10.16 6.16 -18.72
C GLU A 359 11.38 7.05 -18.97
N LEU A 360 12.21 7.23 -17.95
CA LEU A 360 13.44 7.99 -18.12
C LEU A 360 14.36 7.24 -19.08
N LEU A 361 14.57 5.95 -18.83
CA LEU A 361 15.36 5.08 -19.71
C LEU A 361 14.82 5.09 -21.12
N ALA A 362 13.50 5.01 -21.24
CA ALA A 362 12.84 4.98 -22.54
C ALA A 362 13.03 6.25 -23.38
N SER A 363 13.17 7.39 -22.69
CA SER A 363 13.37 8.69 -23.33
C SER A 363 14.79 8.87 -23.92
N TYR A 364 15.74 8.00 -23.60
CA TYR A 364 17.03 8.04 -24.27
C TYR A 364 16.89 7.60 -25.73
N PRO A 365 17.85 8.02 -26.57
CA PRO A 365 17.75 7.68 -27.99
C PRO A 365 18.14 6.24 -28.26
N LYS A 366 17.47 5.63 -29.23
CA LYS A 366 17.91 4.33 -29.76
C LYS A 366 19.33 4.51 -30.27
N GLY A 367 20.20 3.58 -29.94
CA GLY A 367 21.63 3.73 -30.11
C GLY A 367 22.35 3.87 -28.79
N SER A 368 21.66 4.33 -27.74
CA SER A 368 22.31 4.51 -26.44
C SER A 368 22.05 3.29 -25.56
N LYS A 369 22.94 3.09 -24.60
CA LYS A 369 22.89 1.91 -23.74
C LYS A 369 21.72 2.00 -22.76
N GLU A 370 21.28 3.21 -22.43
CA GLU A 370 20.13 3.42 -21.57
C GLU A 370 18.87 2.96 -22.27
N ARG A 371 18.72 3.37 -23.52
CA ARG A 371 17.56 2.98 -24.30
C ARG A 371 17.59 1.48 -24.56
N GLY A 372 18.78 0.92 -24.79
CA GLY A 372 18.96 -0.53 -24.95
C GLY A 372 18.48 -1.29 -23.72
N LEU A 373 18.85 -0.80 -22.54
CA LEU A 373 18.37 -1.38 -21.30
C LEU A 373 16.85 -1.31 -21.21
N TYR A 374 16.29 -0.15 -21.51
CA TYR A 374 14.82 -0.01 -21.52
C TYR A 374 14.19 -1.07 -22.41
N GLU A 375 14.72 -1.20 -23.63
CA GLU A 375 14.12 -2.10 -24.61
C GLU A 375 14.20 -3.55 -24.17
N GLN A 376 15.33 -3.93 -23.60
CA GLN A 376 15.48 -5.24 -22.98
C GLN A 376 14.42 -5.49 -21.89
N ILE A 377 14.23 -4.50 -20.99
CA ILE A 377 13.22 -4.57 -19.93
C ILE A 377 11.83 -4.79 -20.50
N PHE A 378 11.45 -3.92 -21.43
CA PHE A 378 10.15 -4.02 -22.06
C PHE A 378 9.93 -5.34 -22.83
N ASP A 379 10.90 -5.74 -23.67
CA ASP A 379 10.82 -7.02 -24.39
C ASP A 379 10.68 -8.23 -23.46
N ASP A 380 11.56 -8.32 -22.47
CA ASP A 380 11.56 -9.44 -21.53
C ASP A 380 10.24 -9.47 -20.72
N VAL A 381 9.72 -8.29 -20.36
CA VAL A 381 8.46 -8.22 -19.64
C VAL A 381 7.35 -8.71 -20.56
N TYR A 382 7.26 -8.14 -21.75
CA TYR A 382 6.27 -8.56 -22.73
C TYR A 382 6.28 -10.08 -22.96
N GLN A 383 7.45 -10.65 -23.26
CA GLN A 383 7.53 -12.09 -23.55
C GLN A 383 7.19 -12.94 -22.31
N PHE A 384 7.61 -12.51 -21.13
CA PHE A 384 7.27 -13.22 -19.89
C PHE A 384 5.75 -13.28 -19.69
N LEU A 385 5.07 -12.15 -19.92
CA LEU A 385 3.64 -12.08 -19.71
C LEU A 385 2.90 -12.90 -20.75
N LYS A 386 3.41 -12.88 -21.99
CA LYS A 386 2.85 -13.71 -23.05
C LYS A 386 2.90 -15.16 -22.66
N LYS A 387 4.07 -15.60 -22.25
CA LYS A 387 4.28 -16.94 -21.75
C LYS A 387 3.36 -17.27 -20.55
N GLU A 388 3.16 -16.33 -19.62
CA GLU A 388 2.20 -16.53 -18.52
C GLU A 388 0.77 -16.80 -19.01
N VAL A 389 0.34 -16.08 -20.05
CA VAL A 389 -1.00 -16.30 -20.60
C VAL A 389 -1.07 -17.66 -21.31
N GLU A 390 -0.09 -17.93 -22.18
CA GLU A 390 -0.05 -19.20 -22.92
C GLU A 390 0.01 -20.42 -21.99
N GLU A 391 0.86 -20.36 -20.97
CA GLU A 391 1.07 -21.47 -20.04
C GLU A 391 0.19 -21.39 -18.80
N GLU A 392 -0.77 -20.45 -18.80
CA GLU A 392 -1.65 -20.23 -17.67
C GLU A 392 -0.89 -20.22 -16.35
N GLY A 393 0.14 -19.38 -16.29
CA GLY A 393 0.90 -19.15 -15.06
C GLY A 393 0.09 -18.32 -14.06
N VAL A 394 0.72 -18.02 -12.93
CA VAL A 394 0.02 -17.41 -11.83
C VAL A 394 -0.57 -16.00 -12.11
N LEU A 395 0.04 -15.27 -13.04
CA LEU A 395 -0.44 -13.94 -13.42
C LEU A 395 -1.45 -13.94 -14.55
N ALA A 396 -1.78 -15.11 -15.09
CA ALA A 396 -2.64 -15.18 -16.26
C ALA A 396 -4.05 -14.76 -15.89
N SER A 397 -4.68 -14.01 -16.77
CA SER A 397 -6.07 -13.62 -16.62
C SER A 397 -6.58 -13.11 -17.97
N PRO A 398 -7.91 -13.10 -18.16
CA PRO A 398 -8.49 -12.52 -19.37
C PRO A 398 -8.16 -11.04 -19.51
N GLU A 399 -8.06 -10.34 -18.38
CA GLU A 399 -7.77 -8.90 -18.36
C GLU A 399 -6.36 -8.65 -18.91
N LEU A 400 -5.38 -9.40 -18.40
CA LEU A 400 -4.02 -9.31 -18.92
C LEU A 400 -3.95 -9.67 -20.43
N GLU A 401 -4.65 -10.75 -20.81
CA GLU A 401 -4.68 -11.22 -22.22
C GLU A 401 -5.21 -10.13 -23.15
N LEU A 402 -6.24 -9.43 -22.70
CA LEU A 402 -6.85 -8.35 -23.45
C LEU A 402 -5.88 -7.18 -23.60
N GLN A 403 -5.28 -6.77 -22.49
CA GLN A 403 -4.31 -5.68 -22.51
C GLN A 403 -3.17 -6.04 -23.46
N LEU A 404 -2.75 -7.29 -23.43
CA LEU A 404 -1.70 -7.72 -24.35
C LEU A 404 -2.16 -7.57 -25.81
N LYS A 405 -3.37 -8.04 -26.13
CA LYS A 405 -3.92 -7.94 -27.49
C LYS A 405 -4.02 -6.48 -27.90
N ARG A 406 -4.62 -5.68 -27.03
CA ARG A 406 -4.81 -4.28 -27.30
C ARG A 406 -3.49 -3.56 -27.64
N TYR A 407 -2.40 -3.88 -26.93
CA TYR A 407 -1.08 -3.31 -27.28
C TYR A 407 -0.58 -3.79 -28.67
N GLU A 408 -0.86 -5.04 -28.99
CA GLU A 408 -0.50 -5.63 -30.28
C GLU A 408 -1.24 -4.95 -31.43
N GLU A 409 -2.53 -4.71 -31.27
CA GLU A 409 -3.32 -4.08 -32.31
C GLU A 409 -3.08 -2.57 -32.41
N ASP A 410 -2.88 -1.94 -31.25
CA ASP A 410 -2.46 -0.54 -31.20
C ASP A 410 -1.19 -0.34 -32.04
N VAL A 411 -0.21 -1.24 -31.91
CA VAL A 411 1.03 -1.14 -32.69
C VAL A 411 0.79 -1.46 -34.17
N LYS A 412 0.09 -2.57 -34.44
CA LYS A 412 -0.30 -2.97 -35.80
C LYS A 412 -0.96 -1.80 -36.56
N ASN A 413 -1.91 -1.13 -35.90
CA ASN A 413 -2.64 -0.02 -36.50
C ASN A 413 -1.97 1.36 -36.34
N GLY A 414 -0.69 1.39 -35.98
CA GLY A 414 0.01 2.65 -35.73
C GLY A 414 -0.72 3.64 -34.82
N VAL A 415 -1.48 3.16 -33.84
CA VAL A 415 -2.05 4.03 -32.81
C VAL A 415 -1.00 4.29 -31.72
N ARG A 416 -0.19 3.28 -31.43
CA ARG A 416 0.83 3.37 -30.40
C ARG A 416 2.14 2.92 -31.00
N GLU A 417 3.26 3.43 -30.49
CA GLU A 417 4.55 3.01 -31.01
C GLU A 417 5.04 1.76 -30.27
N GLU A 418 5.89 0.99 -30.95
CA GLU A 418 6.49 -0.20 -30.35
C GLU A 418 7.23 0.19 -29.08
N ARG A 419 7.12 -0.68 -28.09
CA ARG A 419 7.75 -0.49 -26.82
C ARG A 419 7.35 0.81 -26.12
N ASP A 420 6.11 1.26 -26.32
CA ASP A 420 5.61 2.42 -25.60
C ASP A 420 5.44 2.08 -24.11
N PRO A 421 6.21 2.74 -23.23
CA PRO A 421 6.10 2.47 -21.79
C PRO A 421 4.71 2.81 -21.20
N ARG A 422 3.89 3.51 -21.96
CA ARG A 422 2.55 3.88 -21.53
C ARG A 422 1.51 2.82 -21.85
N ALA A 423 1.91 1.75 -22.55
CA ALA A 423 1.00 0.67 -22.81
C ALA A 423 0.50 0.10 -21.48
N ASP A 424 -0.81 -0.17 -21.41
CA ASP A 424 -1.47 -0.63 -20.18
C ASP A 424 -0.84 -1.85 -19.54
N PHE A 425 -0.63 -2.91 -20.33
CA PHE A 425 0.02 -4.10 -19.82
C PHE A 425 1.34 -3.78 -19.12
N PHE A 426 2.10 -2.85 -19.68
CA PHE A 426 3.40 -2.50 -19.14
C PHE A 426 3.28 -1.68 -17.86
N ARG A 427 2.46 -0.63 -17.88
CA ARG A 427 2.26 0.18 -16.68
CA ARG A 427 2.26 0.18 -16.68
C ARG A 427 1.83 -0.70 -15.52
N TYR A 428 0.97 -1.66 -15.80
CA TYR A 428 0.45 -2.50 -14.73
C TYR A 428 1.37 -3.67 -14.35
N TYR A 429 2.16 -4.18 -15.29
CA TYR A 429 2.94 -5.40 -15.00
C TYR A 429 4.46 -5.28 -15.22
N SER A 430 4.94 -4.06 -15.50
CA SER A 430 6.39 -3.84 -15.63
C SER A 430 7.16 -4.33 -14.40
N PHE A 431 6.47 -4.33 -13.26
CA PHE A 431 7.07 -4.73 -11.98
C PHE A 431 7.78 -6.10 -12.01
N VAL A 432 7.36 -7.02 -12.87
CA VAL A 432 8.02 -8.32 -12.94
C VAL A 432 9.47 -8.23 -13.44
N ALA A 433 9.83 -7.14 -14.11
CA ALA A 433 11.19 -6.94 -14.57
C ALA A 433 12.22 -7.15 -13.47
N LEU A 434 11.91 -6.68 -12.27
CA LEU A 434 12.87 -6.75 -11.17
C LEU A 434 13.06 -8.14 -10.58
N ASN A 435 12.20 -9.09 -10.95
CA ASN A 435 12.31 -10.47 -10.45
C ASN A 435 12.51 -11.52 -11.59
N LEU A 436 12.66 -11.06 -12.84
CA LEU A 436 13.09 -11.98 -13.93
C LEU A 436 14.53 -12.41 -13.71
N ARG A 437 14.82 -13.68 -13.99
CA ARG A 437 16.13 -14.27 -13.64
C ARG A 437 16.84 -14.81 -14.87
N ASP A 438 18.16 -14.76 -14.85
CA ASP A 438 18.99 -15.34 -15.93
C ASP A 438 19.37 -16.76 -15.53
N SER A 439 20.13 -17.45 -16.38
CA SER A 439 20.38 -18.90 -16.22
C SER A 439 21.17 -19.23 -14.98
N SER A 440 21.97 -18.29 -14.46
CA SER A 440 22.67 -18.51 -13.20
C SER A 440 21.87 -17.98 -11.98
N GLY A 441 20.56 -17.81 -12.16
CA GLY A 441 19.68 -17.38 -11.09
C GLY A 441 19.75 -15.93 -10.62
N LYS A 442 20.33 -15.03 -11.43
CA LYS A 442 20.46 -13.64 -11.03
C LYS A 442 19.30 -12.80 -11.56
N ARG A 443 18.91 -11.79 -10.79
CA ARG A 443 17.97 -10.77 -11.25
C ARG A 443 18.71 -9.80 -12.16
N TYR A 444 18.98 -10.27 -13.38
CA TYR A 444 19.81 -9.59 -14.37
C TYR A 444 19.34 -8.15 -14.68
N LEU A 445 18.01 -7.94 -14.75
CA LEU A 445 17.49 -6.59 -15.05
C LEU A 445 17.60 -5.64 -13.86
N ARG A 446 17.31 -6.13 -12.67
CA ARG A 446 17.46 -5.33 -11.45
C ARG A 446 18.93 -4.96 -11.23
N GLU A 447 19.82 -5.91 -11.49
CA GLU A 447 21.26 -5.70 -11.35
C GLU A 447 21.81 -4.70 -12.37
N ALA A 448 21.33 -4.77 -13.60
CA ALA A 448 21.79 -3.88 -14.64
C ALA A 448 21.32 -2.44 -14.38
N ILE A 449 20.12 -2.29 -13.86
CA ILE A 449 19.62 -0.99 -13.39
C ILE A 449 20.57 -0.41 -12.33
N VAL A 450 20.89 -1.22 -11.34
CA VAL A 450 21.74 -0.77 -10.23
C VAL A 450 23.15 -0.40 -10.74
N GLU A 451 23.70 -1.22 -11.64
CA GLU A 451 25.02 -0.97 -12.26
C GLU A 451 24.99 0.33 -13.02
N LEU A 452 23.98 0.50 -13.87
CA LEU A 452 23.84 1.75 -14.59
C LEU A 452 23.92 2.91 -13.60
N TYR A 453 23.14 2.83 -12.51
CA TYR A 453 23.08 3.91 -11.53
C TYR A 453 24.41 4.13 -10.83
N GLU A 454 25.09 3.05 -10.48
CA GLU A 454 26.28 3.13 -9.63
C GLU A 454 27.57 3.48 -10.37
N GLU A 455 27.60 3.21 -11.68
CA GLU A 455 28.80 3.42 -12.49
C GLU A 455 28.66 4.54 -13.50
N ASP A 456 27.44 5.03 -13.74
CA ASP A 456 27.24 6.12 -14.68
C ASP A 456 26.78 7.35 -13.93
N ARG A 457 27.67 8.30 -13.76
CA ARG A 457 27.41 9.55 -13.03
C ARG A 457 26.27 10.38 -13.64
N LYS A 458 26.25 10.52 -14.96
CA LYS A 458 25.21 11.30 -15.63
C LYS A 458 23.82 10.71 -15.43
N PHE A 459 23.72 9.38 -15.43
CA PHE A 459 22.42 8.78 -15.19
C PHE A 459 22.02 8.92 -13.72
N LYS A 460 22.95 8.65 -12.82
CA LYS A 460 22.73 8.80 -11.39
C LYS A 460 22.16 10.18 -11.10
N GLU A 461 22.87 11.21 -11.56
CA GLU A 461 22.48 12.60 -11.31
C GLU A 461 21.09 12.91 -11.83
N ARG A 462 20.80 12.50 -13.05
CA ARG A 462 19.51 12.75 -13.65
C ARG A 462 18.37 12.00 -12.88
N TYR A 463 18.59 10.73 -12.51
CA TYR A 463 17.57 9.98 -11.76
C TYR A 463 17.36 10.59 -10.37
N ASP A 464 18.45 10.90 -9.65
CA ASP A 464 18.34 11.51 -8.33
C ASP A 464 17.54 12.79 -8.40
N LYS A 465 17.79 13.58 -9.45
CA LYS A 465 17.08 14.83 -9.62
C LYS A 465 15.59 14.57 -9.85
N GLU A 466 15.26 13.64 -10.73
CA GLU A 466 13.86 13.27 -10.92
C GLU A 466 13.20 12.71 -9.64
N VAL A 467 13.91 11.86 -8.90
CA VAL A 467 13.37 11.25 -7.67
C VAL A 467 13.08 12.32 -6.61
N GLU A 468 14.06 13.19 -6.39
CA GLU A 468 13.87 14.31 -5.48
C GLU A 468 12.70 15.17 -5.91
N ALA A 469 12.61 15.49 -7.19
CA ALA A 469 11.58 16.37 -7.69
C ALA A 469 10.21 15.78 -7.46
N LEU A 470 10.09 14.47 -7.68
CA LEU A 470 8.81 13.80 -7.51
C LEU A 470 8.41 13.84 -6.05
N THR A 471 9.39 13.65 -5.20
CA THR A 471 9.13 13.63 -3.78
C THR A 471 8.72 15.02 -3.31
N LEU A 472 9.34 16.04 -3.89
CA LEU A 472 9.01 17.43 -3.57
C LEU A 472 7.60 17.81 -4.03
N ARG A 473 7.18 17.34 -5.22
CA ARG A 473 5.83 17.64 -5.70
C ARG A 473 4.81 17.12 -4.68
N LEU A 474 5.04 15.92 -4.15
CA LEU A 474 4.15 15.34 -3.14
C LEU A 474 4.14 16.17 -1.87
N ILE A 475 5.33 16.41 -1.33
CA ILE A 475 5.50 17.20 -0.09
C ILE A 475 4.87 18.58 -0.19
N ASP A 476 5.14 19.30 -1.26
CA ASP A 476 4.56 20.63 -1.41
C ASP A 476 3.07 20.54 -1.70
N GLY A 477 2.65 19.54 -2.48
CA GLY A 477 1.22 19.42 -2.80
C GLY A 477 0.35 19.11 -1.57
N LEU A 478 0.92 18.41 -0.58
CA LEU A 478 0.13 17.98 0.57
C LEU A 478 0.54 18.67 1.87
N LYS A 479 1.40 19.68 1.75
CA LYS A 479 1.81 20.56 2.85
C LYS A 479 2.48 19.81 3.97
N PHE A 480 3.35 18.87 3.64
CA PHE A 480 4.04 18.09 4.67
C PHE A 480 5.27 18.82 5.19
N GLU A 481 5.63 19.95 4.58
CA GLU A 481 6.83 20.69 4.98
C GLU A 481 6.75 21.03 6.48
N ASN A 482 7.83 20.75 7.20
CA ASN A 482 7.89 20.96 8.67
C ASN A 482 6.99 20.06 9.53
N ASN A 483 6.58 18.93 8.99
CA ASN A 483 5.70 18.03 9.75
C ASN A 483 6.43 17.35 10.92
N ILE A 484 7.76 17.38 10.86
CA ILE A 484 8.63 16.91 11.94
C ILE A 484 8.18 17.43 13.30
N ILE A 485 7.62 18.63 13.34
CA ILE A 485 7.25 19.26 14.60
C ILE A 485 6.29 18.41 15.44
N ASN A 486 5.24 17.88 14.80
CA ASN A 486 4.28 17.02 15.50
C ASN A 486 4.82 15.65 15.82
N ALA A 487 5.65 15.09 14.95
CA ALA A 487 6.35 13.85 15.25
C ALA A 487 7.17 14.02 16.54
N LEU A 488 7.95 15.10 16.59
CA LEU A 488 8.73 15.37 17.79
C LEU A 488 7.87 15.52 19.04
N ALA A 489 6.68 16.09 18.87
CA ALA A 489 5.77 16.28 19.96
C ALA A 489 5.18 14.92 20.42
N TRP A 490 5.02 13.98 19.50
CA TRP A 490 4.65 12.60 19.88
C TRP A 490 5.79 11.87 20.62
N ILE A 491 6.97 11.89 20.02
CA ILE A 491 8.13 11.19 20.55
C ILE A 491 8.46 11.67 21.98
N ARG A 492 8.31 12.96 22.22
CA ARG A 492 8.60 13.58 23.52
CA ARG A 492 8.69 13.48 23.52
C ARG A 492 7.81 12.99 24.65
N GLN A 493 6.58 12.56 24.37
CA GLN A 493 5.72 11.96 25.39
C GLN A 493 6.22 10.61 25.93
N PHE A 494 7.09 9.91 25.22
CA PHE A 494 7.61 8.60 25.66
C PHE A 494 8.83 8.72 26.56
#